data_1DY4
#
_entry.id   1DY4
#
_cell.length_a   82.960
_cell.length_b   83.110
_cell.length_c   110.680
_cell.angle_alpha   90.00
_cell.angle_beta   90.00
_cell.angle_gamma   90.00
#
_symmetry.space_group_name_H-M   'I 2 2 2'
#
loop_
_entity.id
_entity.type
_entity.pdbx_description
1 polymer 'EXOGLUCANASE 1'
2 non-polymer 2-acetamido-2-deoxy-beta-D-glucopyranose
3 non-polymer 1-(ISOPROPYLAMINO)-3-(1-NAPHTHYLOXY)-2-PROPANOL
4 non-polymer 'COBALT (II) ION'
5 water water
#
_entity_poly.entity_id   1
_entity_poly.type   'polypeptide(L)'
_entity_poly.pdbx_seq_one_letter_code
;(PCA)SACTLQSETHPPLTWQKCSSGGTCTQQTGSVVIDANWRWTHATNSSTNCYDGNTWSSTLCPDNETCAKNCCLDGA
AYASTYGVTTSGNSLSIGFVTQSAQKNVGARLYLMASDTTYQEFTLLGNEFSFDVDVSQLPCGLNGALYFVSMDADGGVS
KYPTNTAGAKYGTGYCDSQCPRDLKFINGQANVEGWEPSSNNANTGIGGHGSCCSEMDIWEANSISEALTPHPCTTVGQE
ICEGDGCGGTYSDNRYGGTCDPDGCDWNPYRLGNTSFYGPGSSFTLDTTKKLTVVTQFETSGAINRYYVQNGVTFQQPNA
ELGSYSGNELNDDYCTAEEAEFGGSSFSDKGGLTQFKKATSGGMVLVMSLWDDYYANMLWLDSTYPTNETSSTPGAVRGS
CSTSSGVPAQVESQSPNAKVTFSNIKFGPIGSTGNPSG
;
_entity_poly.pdbx_strand_id   A
#
loop_
_chem_comp.id
_chem_comp.type
_chem_comp.name
_chem_comp.formula
CO non-polymer 'COBALT (II) ION' 'Co 2'
NAG D-saccharide, beta linking 2-acetamido-2-deoxy-beta-D-glucopyranose 'C8 H15 N O6'
SNP non-polymer 1-(ISOPROPYLAMINO)-3-(1-NAPHTHYLOXY)-2-PROPANOL 'C16 H21 N O2'
#
# COMPACT_ATOMS: atom_id res chain seq x y z
N PCA A 1 10.57 19.94 -0.12
CA PCA A 1 10.30 20.56 1.18
CB PCA A 1 9.00 19.94 1.71
CG PCA A 1 9.04 18.57 1.10
CD PCA A 1 9.87 18.79 -0.19
OE PCA A 1 9.95 17.97 -1.12
C PCA A 1 11.43 20.33 2.19
O PCA A 1 12.21 19.39 2.03
N SER A 2 11.50 21.18 3.20
CA SER A 2 12.51 21.04 4.25
C SER A 2 11.85 20.37 5.45
N ALA A 3 12.58 20.26 6.55
CA ALA A 3 12.04 19.65 7.76
C ALA A 3 12.04 20.69 8.87
N CYS A 4 10.96 20.69 9.66
CA CYS A 4 10.82 21.59 10.80
C CYS A 4 10.72 20.76 12.07
N THR A 5 11.02 21.38 13.21
CA THR A 5 11.02 20.67 14.49
C THR A 5 10.15 21.24 15.61
N LEU A 6 8.96 21.73 15.27
CA LEU A 6 8.03 22.25 16.27
C LEU A 6 7.42 21.07 17.02
N GLN A 7 7.32 19.95 16.32
CA GLN A 7 6.81 18.68 16.85
C GLN A 7 7.96 17.70 16.58
N SER A 8 8.40 16.99 17.62
CA SER A 8 9.51 16.04 17.50
C SER A 8 9.15 14.80 16.68
N GLU A 9 10.15 14.25 16.00
CA GLU A 9 9.98 13.06 15.18
C GLU A 9 10.76 11.87 15.75
N THR A 10 10.03 10.96 16.37
CA THR A 10 10.58 9.75 16.95
C THR A 10 9.84 8.58 16.29
N HIS A 11 10.54 7.90 15.38
CA HIS A 11 9.99 6.77 14.64
C HIS A 11 9.78 5.56 15.56
N PRO A 12 8.53 5.05 15.67
CA PRO A 12 8.24 3.89 16.54
C PRO A 12 9.07 2.67 16.10
N PRO A 13 9.88 2.09 17.01
CA PRO A 13 10.70 0.93 16.69
C PRO A 13 9.93 -0.32 16.27
N LEU A 14 10.48 -1.08 15.32
CA LEU A 14 9.85 -2.31 14.85
C LEU A 14 10.95 -3.28 14.48
N THR A 15 10.92 -4.46 15.09
CA THR A 15 11.90 -5.49 14.81
C THR A 15 11.34 -6.50 13.81
N TRP A 16 12.22 -7.10 13.04
CA TRP A 16 11.85 -8.11 12.05
C TRP A 16 12.98 -9.14 11.97
N GLN A 17 12.71 -10.28 11.35
CA GLN A 17 13.72 -11.34 11.23
C GLN A 17 14.27 -11.50 9.83
N LYS A 18 15.59 -11.64 9.73
CA LYS A 18 16.28 -11.87 8.47
C LYS A 18 16.76 -13.31 8.60
N CYS A 19 16.25 -14.18 7.73
CA CYS A 19 16.62 -15.59 7.76
C CYS A 19 17.57 -15.94 6.64
N SER A 20 18.32 -17.03 6.82
CA SER A 20 19.29 -17.49 5.84
C SER A 20 19.00 -18.92 5.42
N SER A 21 19.57 -19.32 4.28
CA SER A 21 19.39 -20.67 3.72
C SER A 21 19.89 -21.77 4.66
N GLY A 22 20.77 -21.38 5.58
CA GLY A 22 21.34 -22.31 6.55
C GLY A 22 20.40 -22.77 7.65
N GLY A 23 19.22 -22.17 7.71
CA GLY A 23 18.25 -22.59 8.71
C GLY A 23 18.06 -21.77 9.98
N THR A 24 18.74 -20.63 10.08
CA THR A 24 18.60 -19.77 11.25
C THR A 24 18.16 -18.37 10.85
N CYS A 25 17.61 -17.64 11.81
CA CYS A 25 17.15 -16.28 11.61
C CYS A 25 17.74 -15.37 12.69
N THR A 26 18.07 -14.14 12.31
CA THR A 26 18.63 -13.16 13.23
C THR A 26 17.74 -11.93 13.25
N GLN A 27 17.59 -11.33 14.43
CA GLN A 27 16.74 -10.15 14.59
C GLN A 27 17.40 -8.88 14.08
N GLN A 28 16.58 -8.07 13.41
CA GLN A 28 17.00 -6.79 12.85
C GLN A 28 16.16 -5.75 13.56
N THR A 29 16.72 -4.57 13.79
CA THR A 29 15.98 -3.51 14.44
C THR A 29 15.81 -2.35 13.48
N GLY A 30 14.55 -2.07 13.17
CA GLY A 30 14.22 -0.98 12.26
C GLY A 30 13.19 -0.12 12.96
N SER A 31 12.45 0.67 12.17
CA SER A 31 11.41 1.54 12.69
C SER A 31 10.41 1.89 11.60
N VAL A 32 9.32 2.56 11.94
CA VAL A 32 8.33 2.97 10.94
C VAL A 32 8.16 4.47 10.91
N VAL A 33 7.95 5.02 9.71
CA VAL A 33 7.77 6.45 9.53
C VAL A 33 6.50 6.69 8.70
N ILE A 34 5.71 7.68 9.11
CA ILE A 34 4.48 8.01 8.40
C ILE A 34 4.78 8.89 7.18
N ASP A 35 4.02 8.67 6.12
CA ASP A 35 4.13 9.40 4.86
C ASP A 35 3.88 10.89 5.05
N ALA A 36 4.61 11.69 4.27
CA ALA A 36 4.56 13.15 4.27
C ALA A 36 3.18 13.79 4.15
N ASN A 37 2.26 13.12 3.44
CA ASN A 37 0.90 13.62 3.23
C ASN A 37 0.04 13.74 4.49
N TRP A 38 0.36 12.94 5.51
CA TRP A 38 -0.37 12.96 6.77
C TRP A 38 0.15 14.02 7.74
N ARG A 39 1.33 14.55 7.44
CA ARG A 39 1.97 15.55 8.28
C ARG A 39 1.45 16.97 8.09
N TRP A 40 1.79 17.81 9.06
CA TRP A 40 1.44 19.22 9.06
C TRP A 40 2.51 19.95 8.25
N THR A 41 2.09 20.60 7.17
CA THR A 41 2.98 21.34 6.29
C THR A 41 2.80 22.84 6.58
N HIS A 42 3.86 23.46 7.11
CA HIS A 42 3.80 24.89 7.46
C HIS A 42 5.01 25.69 7.04
N ALA A 43 4.95 27.01 7.25
CA ALA A 43 6.04 27.93 6.91
C ALA A 43 7.29 27.63 7.74
N THR A 44 8.45 27.75 7.12
CA THR A 44 9.74 27.46 7.76
C THR A 44 10.09 28.33 8.98
N ASN A 45 9.59 29.56 9.01
CA ASN A 45 9.87 30.50 10.10
C ASN A 45 8.68 30.81 11.03
N SER A 46 7.55 30.17 10.78
CA SER A 46 6.35 30.37 11.61
C SER A 46 5.51 29.09 11.69
N SER A 47 4.31 29.21 12.25
CA SER A 47 3.40 28.07 12.38
C SER A 47 2.20 28.24 11.44
N THR A 48 2.35 29.11 10.45
CA THR A 48 1.32 29.38 9.44
C THR A 48 1.29 28.24 8.43
N ASN A 49 0.13 27.60 8.29
CA ASN A 49 -0.07 26.47 7.39
C ASN A 49 0.14 26.78 5.90
N CYS A 50 0.82 25.85 5.22
CA CYS A 50 1.07 25.96 3.78
C CYS A 50 -0.09 25.27 3.08
N TYR A 51 -0.67 24.31 3.80
CA TYR A 51 -1.81 23.52 3.35
C TYR A 51 -2.75 23.38 4.54
N ASP A 52 -4.02 23.69 4.32
CA ASP A 52 -5.06 23.61 5.36
C ASP A 52 -6.34 23.12 4.69
N GLY A 53 -6.91 22.05 5.25
CA GLY A 53 -8.13 21.48 4.68
C GLY A 53 -7.71 20.76 3.41
N ASN A 54 -8.20 21.25 2.28
CA ASN A 54 -7.84 20.68 0.98
C ASN A 54 -7.34 21.77 0.04
N THR A 55 -6.95 22.90 0.63
CA THR A 55 -6.46 24.06 -0.12
C THR A 55 -5.05 24.47 0.30
N TRP A 56 -4.32 25.03 -0.64
CA TRP A 56 -2.97 25.53 -0.40
C TRP A 56 -3.03 27.03 -0.15
N SER A 57 -2.04 27.53 0.59
CA SER A 57 -1.92 28.96 0.88
C SER A 57 -1.44 29.61 -0.42
N SER A 58 -2.26 30.48 -0.99
CA SER A 58 -1.96 31.16 -2.25
C SER A 58 -0.75 32.11 -2.18
N THR A 59 -0.41 32.54 -0.97
CA THR A 59 0.72 33.44 -0.75
C THR A 59 2.04 32.71 -0.50
N LEU A 60 1.99 31.66 0.34
CA LEU A 60 3.17 30.85 0.65
C LEU A 60 3.46 29.87 -0.48
N CYS A 61 2.42 29.52 -1.21
CA CYS A 61 2.50 28.57 -2.33
C CYS A 61 1.88 29.03 -3.67
N PRO A 62 2.45 30.07 -4.32
CA PRO A 62 1.90 30.55 -5.60
C PRO A 62 2.25 29.64 -6.78
N ASP A 63 3.31 28.86 -6.61
CA ASP A 63 3.79 27.89 -7.61
C ASP A 63 4.53 26.76 -6.87
N ASN A 64 4.81 25.67 -7.58
CA ASN A 64 5.49 24.50 -6.98
C ASN A 64 6.86 24.71 -6.37
N GLU A 65 7.69 25.54 -6.99
CA GLU A 65 9.05 25.81 -6.52
C GLU A 65 9.11 26.70 -5.28
N THR A 66 8.34 27.80 -5.29
CA THR A 66 8.29 28.76 -4.18
C THR A 66 7.67 28.12 -2.94
N CYS A 67 6.74 27.19 -3.16
CA CYS A 67 6.06 26.46 -2.09
C CYS A 67 7.03 25.59 -1.33
N ALA A 68 7.85 24.84 -2.08
CA ALA A 68 8.85 23.94 -1.53
C ALA A 68 9.92 24.69 -0.74
N LYS A 69 10.18 25.93 -1.15
CA LYS A 69 11.17 26.80 -0.49
C LYS A 69 10.65 27.38 0.82
N ASN A 70 9.41 27.85 0.82
CA ASN A 70 8.79 28.45 2.00
C ASN A 70 8.19 27.46 2.99
N CYS A 71 8.00 26.20 2.55
CA CYS A 71 7.37 25.20 3.40
C CYS A 71 8.20 24.03 3.88
N CYS A 72 7.76 23.49 5.02
CA CYS A 72 8.40 22.35 5.66
C CYS A 72 7.41 21.37 6.28
N LEU A 73 7.82 20.11 6.37
CA LEU A 73 7.04 19.04 6.96
C LEU A 73 7.53 18.96 8.41
N ASP A 74 6.61 18.73 9.35
CA ASP A 74 6.98 18.63 10.75
C ASP A 74 6.81 17.21 11.28
N GLY A 75 7.15 17.03 12.56
CA GLY A 75 7.05 15.73 13.20
C GLY A 75 5.64 15.24 13.47
N ALA A 76 5.53 13.94 13.70
CA ALA A 76 4.26 13.29 13.95
C ALA A 76 4.18 12.68 15.34
N ALA A 77 3.03 12.84 15.98
CA ALA A 77 2.77 12.27 17.30
C ALA A 77 2.04 10.98 16.93
N TYR A 78 2.81 9.95 16.62
CA TYR A 78 2.31 8.64 16.18
C TYR A 78 1.12 8.00 16.87
N ALA A 79 1.15 7.94 18.20
CA ALA A 79 0.05 7.34 18.97
C ALA A 79 -1.18 8.23 19.12
N SER A 80 -0.98 9.44 19.64
CA SER A 80 -2.08 10.39 19.90
C SER A 80 -2.73 11.04 18.69
N THR A 81 -1.97 11.27 17.62
CA THR A 81 -2.52 11.90 16.43
C THR A 81 -2.89 10.90 15.32
N TYR A 82 -2.01 9.93 15.06
CA TYR A 82 -2.23 8.97 13.98
C TYR A 82 -2.68 7.56 14.35
N GLY A 83 -2.71 7.26 15.65
CA GLY A 83 -3.14 5.96 16.11
C GLY A 83 -2.23 4.80 15.71
N VAL A 84 -0.93 5.10 15.63
CA VAL A 84 0.07 4.12 15.26
C VAL A 84 0.94 3.80 16.48
N THR A 85 0.95 2.51 16.84
CA THR A 85 1.74 2.04 17.98
C THR A 85 2.49 0.78 17.58
N THR A 86 3.65 0.57 18.21
CA THR A 86 4.45 -0.62 17.96
C THR A 86 4.87 -1.21 19.30
N SER A 87 5.14 -2.52 19.28
CA SER A 87 5.59 -3.27 20.45
C SER A 87 6.37 -4.48 19.95
N GLY A 88 7.70 -4.36 19.97
CA GLY A 88 8.56 -5.45 19.51
C GLY A 88 8.47 -5.64 18.01
N ASN A 89 7.89 -6.77 17.59
CA ASN A 89 7.72 -7.10 16.19
C ASN A 89 6.32 -6.77 15.67
N SER A 90 5.51 -6.17 16.53
CA SER A 90 4.12 -5.82 16.20
C SER A 90 3.87 -4.35 15.91
N LEU A 91 3.05 -4.09 14.90
CA LEU A 91 2.65 -2.74 14.49
C LEU A 91 1.13 -2.73 14.40
N SER A 92 0.50 -1.77 15.08
CA SER A 92 -0.94 -1.61 15.06
C SER A 92 -1.29 -0.25 14.48
N ILE A 93 -2.26 -0.21 13.58
CA ILE A 93 -2.70 1.03 12.94
C ILE A 93 -4.21 1.17 13.15
N GLY A 94 -4.61 2.23 13.86
CA GLY A 94 -6.02 2.48 14.11
C GLY A 94 -6.66 3.18 12.91
N PHE A 95 -7.99 3.11 12.79
CA PHE A 95 -8.69 3.72 11.66
C PHE A 95 -8.90 5.21 11.86
N VAL A 96 -9.77 5.58 12.81
CA VAL A 96 -10.01 7.00 13.09
C VAL A 96 -9.47 7.33 14.49
N THR A 97 -8.60 8.33 14.55
CA THR A 97 -8.01 8.80 15.80
C THR A 97 -8.42 10.24 16.00
N GLN A 98 -8.99 10.52 17.18
CA GLN A 98 -9.43 11.85 17.53
C GLN A 98 -8.48 12.49 18.54
N SER A 99 -7.86 13.59 18.12
CA SER A 99 -6.95 14.37 18.98
C SER A 99 -7.58 15.76 18.93
N ALA A 100 -6.81 16.77 18.56
CA ALA A 100 -7.31 18.15 18.44
C ALA A 100 -8.14 18.18 17.15
N GLN A 101 -7.74 17.31 16.21
CA GLN A 101 -8.41 17.15 14.91
C GLN A 101 -8.67 15.66 14.69
N LYS A 102 -9.42 15.34 13.63
CA LYS A 102 -9.75 13.95 13.27
C LYS A 102 -8.75 13.46 12.21
N ASN A 103 -8.22 12.25 12.40
CA ASN A 103 -7.28 11.66 11.44
C ASN A 103 -7.82 10.30 10.99
N VAL A 104 -7.66 10.02 9.70
CA VAL A 104 -8.10 8.77 9.11
C VAL A 104 -6.93 7.97 8.53
N GLY A 105 -6.66 6.82 9.12
CA GLY A 105 -5.61 5.93 8.67
C GLY A 105 -4.18 6.45 8.72
N ALA A 106 -3.31 5.78 7.96
CA ALA A 106 -1.90 6.14 7.89
C ALA A 106 -1.22 5.23 6.89
N ARG A 107 -0.12 5.71 6.31
CA ARG A 107 0.69 4.94 5.37
C ARG A 107 2.09 5.06 5.95
N LEU A 108 2.66 3.90 6.30
CA LEU A 108 3.98 3.82 6.94
C LEU A 108 5.00 3.04 6.14
N TYR A 109 6.28 3.39 6.30
CA TYR A 109 7.37 2.71 5.61
C TYR A 109 8.36 2.19 6.64
N LEU A 110 8.94 1.01 6.38
CA LEU A 110 9.93 0.41 7.28
C LEU A 110 11.29 1.06 7.02
N MET A 111 11.92 1.53 8.10
CA MET A 111 13.22 2.20 8.01
C MET A 111 14.42 1.33 8.40
N ALA A 112 15.57 1.66 7.79
CA ALA A 112 16.85 0.97 8.04
C ALA A 112 17.61 1.76 9.12
N SER A 113 17.41 3.08 9.10
CA SER A 113 18.01 4.01 10.06
C SER A 113 16.96 5.10 10.16
N ASP A 114 17.16 6.08 11.05
CA ASP A 114 16.19 7.16 11.20
C ASP A 114 16.11 8.13 10.02
N THR A 115 16.98 7.93 9.03
CA THR A 115 17.00 8.79 7.85
C THR A 115 16.97 8.05 6.51
N THR A 116 16.88 6.73 6.56
CA THR A 116 16.84 5.92 5.33
C THR A 116 15.80 4.81 5.39
N TYR A 117 15.24 4.47 4.24
CA TYR A 117 14.25 3.38 4.14
C TYR A 117 14.97 2.05 3.99
N GLN A 118 14.34 0.99 4.47
CA GLN A 118 14.90 -0.37 4.36
C GLN A 118 14.49 -0.89 2.98
N GLU A 119 15.48 -1.37 2.23
CA GLU A 119 15.24 -1.93 0.90
C GLU A 119 15.29 -3.44 0.94
N PHE A 120 14.33 -4.08 0.26
CA PHE A 120 14.26 -5.54 0.18
C PHE A 120 14.30 -5.97 -1.28
N THR A 121 15.11 -6.99 -1.57
CA THR A 121 15.21 -7.55 -2.92
C THR A 121 14.35 -8.82 -2.81
N LEU A 122 13.14 -8.75 -3.38
CA LEU A 122 12.18 -9.85 -3.31
C LEU A 122 12.47 -11.09 -4.14
N LEU A 123 13.09 -10.95 -5.31
CA LEU A 123 13.36 -12.10 -6.19
C LEU A 123 14.28 -13.15 -5.57
N GLY A 124 13.79 -14.40 -5.55
CA GLY A 124 14.53 -15.50 -4.99
C GLY A 124 14.30 -15.64 -3.49
N ASN A 125 13.56 -14.68 -2.94
CA ASN A 125 13.26 -14.66 -1.51
C ASN A 125 11.78 -14.79 -1.20
N GLU A 126 11.48 -14.87 0.09
CA GLU A 126 10.11 -14.96 0.57
C GLU A 126 9.90 -13.99 1.73
N PHE A 127 8.67 -13.51 1.87
CA PHE A 127 8.28 -12.57 2.90
C PHE A 127 7.13 -13.20 3.67
N SER A 128 7.28 -13.28 4.99
CA SER A 128 6.26 -13.84 5.88
C SER A 128 5.87 -12.83 6.93
N PHE A 129 4.59 -12.82 7.31
CA PHE A 129 4.08 -11.93 8.35
C PHE A 129 2.79 -12.47 8.92
N ASP A 130 2.48 -12.05 10.14
CA ASP A 130 1.26 -12.43 10.83
C ASP A 130 0.36 -11.21 10.77
N VAL A 131 -0.95 -11.44 10.66
CA VAL A 131 -1.90 -10.34 10.60
C VAL A 131 -3.20 -10.65 11.29
N ASP A 132 -3.75 -9.63 11.94
CA ASP A 132 -5.04 -9.73 12.63
C ASP A 132 -5.92 -8.74 11.87
N VAL A 133 -6.85 -9.29 11.08
CA VAL A 133 -7.77 -8.49 10.27
C VAL A 133 -9.19 -8.53 10.85
N SER A 134 -9.33 -9.08 12.05
CA SER A 134 -10.63 -9.22 12.72
C SER A 134 -11.43 -7.95 12.90
N GLN A 135 -10.73 -6.84 13.13
CA GLN A 135 -11.38 -5.56 13.35
C GLN A 135 -11.49 -4.71 12.10
N LEU A 136 -11.37 -5.35 10.94
CA LEU A 136 -11.49 -4.64 9.66
C LEU A 136 -12.76 -5.07 8.93
N PRO A 137 -13.79 -4.19 8.89
CA PRO A 137 -15.03 -4.55 8.21
C PRO A 137 -14.99 -4.15 6.73
N CYS A 138 -16.14 -4.29 6.05
CA CYS A 138 -16.29 -3.93 4.64
C CYS A 138 -15.92 -2.47 4.41
N GLY A 139 -15.20 -2.20 3.33
CA GLY A 139 -14.81 -0.83 3.03
C GLY A 139 -13.43 -0.41 3.48
N LEU A 140 -12.77 -1.24 4.29
CA LEU A 140 -11.42 -0.93 4.78
C LEU A 140 -10.39 -1.83 4.12
N ASN A 141 -9.15 -1.34 4.08
CA ASN A 141 -8.05 -2.06 3.49
C ASN A 141 -6.82 -1.95 4.39
N GLY A 142 -6.42 -3.07 4.97
CA GLY A 142 -5.21 -3.13 5.79
C GLY A 142 -4.22 -3.67 4.77
N ALA A 143 -3.32 -2.82 4.30
CA ALA A 143 -2.38 -3.23 3.28
C ALA A 143 -0.93 -3.34 3.66
N LEU A 144 -0.29 -4.40 3.17
CA LEU A 144 1.14 -4.64 3.37
C LEU A 144 1.64 -4.84 1.94
N TYR A 145 2.46 -3.90 1.47
CA TYR A 145 2.96 -3.96 0.12
C TYR A 145 4.36 -3.39 -0.07
N PHE A 146 4.87 -3.53 -1.29
CA PHE A 146 6.20 -3.04 -1.65
C PHE A 146 6.11 -2.11 -2.84
N VAL A 147 6.92 -1.06 -2.83
CA VAL A 147 6.98 -0.08 -3.91
C VAL A 147 8.44 0.24 -4.21
N SER A 148 8.74 0.55 -5.47
CA SER A 148 10.11 0.87 -5.89
C SER A 148 10.50 2.33 -5.65
N MET A 149 10.63 2.66 -4.36
CA MET A 149 11.01 3.99 -3.91
C MET A 149 12.51 4.07 -3.68
N ASP A 150 13.04 5.30 -3.66
CA ASP A 150 14.46 5.56 -3.40
C ASP A 150 14.64 5.44 -1.89
N ALA A 151 15.79 4.91 -1.47
CA ALA A 151 16.10 4.72 -0.05
C ALA A 151 16.15 6.01 0.76
N ASP A 152 16.49 7.12 0.09
CA ASP A 152 16.59 8.42 0.76
C ASP A 152 15.33 9.28 0.66
N GLY A 153 14.30 8.74 0.00
CA GLY A 153 13.05 9.48 -0.16
C GLY A 153 13.10 10.48 -1.31
N GLY A 154 14.17 10.42 -2.10
CA GLY A 154 14.33 11.30 -3.25
C GLY A 154 15.28 12.47 -3.09
N VAL A 155 15.94 12.57 -1.94
CA VAL A 155 16.88 13.66 -1.63
C VAL A 155 18.07 13.86 -2.58
N SER A 156 18.74 12.77 -2.96
CA SER A 156 19.92 12.87 -3.84
C SER A 156 19.60 13.37 -5.26
N LYS A 157 18.41 13.02 -5.74
CA LYS A 157 17.97 13.41 -7.07
C LYS A 157 17.33 14.79 -7.09
N TYR A 158 16.72 15.18 -5.98
CA TYR A 158 16.03 16.47 -5.86
C TYR A 158 16.43 17.20 -4.56
N PRO A 159 17.52 18.00 -4.59
CA PRO A 159 18.04 18.76 -3.43
C PRO A 159 17.11 19.72 -2.70
N THR A 160 15.98 20.06 -3.33
CA THR A 160 14.99 20.94 -2.72
C THR A 160 14.16 20.18 -1.68
N ASN A 161 14.38 18.87 -1.63
CA ASN A 161 13.76 17.97 -0.65
C ASN A 161 14.91 17.64 0.30
N THR A 162 14.87 18.26 1.48
CA THR A 162 15.89 18.03 2.51
C THR A 162 15.26 17.31 3.70
N ALA A 163 13.96 17.05 3.60
CA ALA A 163 13.19 16.35 4.63
C ALA A 163 13.49 14.85 4.55
N GLY A 164 13.42 14.31 3.33
CA GLY A 164 13.73 12.92 3.06
C GLY A 164 12.90 11.81 3.71
N ALA A 165 13.52 10.62 3.79
CA ALA A 165 12.90 9.43 4.36
C ALA A 165 12.51 9.58 5.83
N LYS A 166 13.23 10.45 6.55
CA LYS A 166 12.98 10.74 7.97
C LYS A 166 11.56 11.29 8.15
N TYR A 167 11.08 11.99 7.12
CA TYR A 167 9.74 12.57 7.14
C TYR A 167 8.78 11.94 6.13
N GLY A 168 9.12 10.73 5.69
CA GLY A 168 8.29 9.98 4.76
C GLY A 168 8.03 10.54 3.36
N THR A 169 9.07 11.08 2.73
CA THR A 169 8.94 11.62 1.37
C THR A 169 9.29 10.57 0.33
N GLY A 170 9.00 10.89 -0.93
CA GLY A 170 9.33 10.01 -2.03
C GLY A 170 8.39 8.89 -2.42
N TYR A 171 7.16 8.89 -1.90
CA TYR A 171 6.20 7.83 -2.22
C TYR A 171 5.78 7.78 -3.69
N CYS A 172 5.47 6.57 -4.13
CA CYS A 172 5.01 6.27 -5.47
C CYS A 172 4.39 4.89 -5.44
N ASP A 173 3.45 4.64 -6.35
CA ASP A 173 2.84 3.33 -6.50
C ASP A 173 2.29 3.24 -7.93
N SER A 174 1.64 2.13 -8.27
CA SER A 174 1.14 1.94 -9.62
C SER A 174 -0.08 2.74 -10.06
N GLN A 175 -0.63 3.53 -9.15
CA GLN A 175 -1.80 4.36 -9.48
C GLN A 175 -1.31 5.73 -9.89
N CYS A 176 0.01 5.92 -9.81
CA CYS A 176 0.71 7.18 -10.10
C CYS A 176 -0.02 8.30 -9.33
N PRO A 177 -0.08 8.18 -7.97
CA PRO A 177 -0.76 9.16 -7.12
C PRO A 177 -0.48 10.65 -7.31
N ARG A 178 -1.56 11.38 -7.58
CA ARG A 178 -1.55 12.82 -7.80
C ARG A 178 -2.04 13.57 -6.55
N ASP A 179 -2.39 12.81 -5.51
CA ASP A 179 -2.88 13.37 -4.25
C ASP A 179 -1.72 13.80 -3.34
N LEU A 180 -0.51 13.42 -3.75
CA LEU A 180 0.72 13.74 -3.02
C LEU A 180 0.96 15.25 -3.10
N LYS A 181 1.21 15.84 -1.94
CA LYS A 181 1.43 17.28 -1.83
C LYS A 181 2.82 17.72 -2.24
N PHE A 182 3.77 16.79 -2.17
CA PHE A 182 5.16 17.05 -2.57
C PHE A 182 5.70 15.89 -3.40
N ILE A 183 6.12 16.21 -4.62
CA ILE A 183 6.70 15.23 -5.55
C ILE A 183 7.97 15.86 -6.13
N ASN A 184 9.06 15.10 -6.11
CA ASN A 184 10.37 15.52 -6.63
C ASN A 184 10.92 16.85 -6.10
N GLY A 185 10.76 17.07 -4.80
CA GLY A 185 11.26 18.29 -4.15
C GLY A 185 10.47 19.56 -4.43
N GLN A 186 9.37 19.41 -5.17
CA GLN A 186 8.50 20.53 -5.51
C GLN A 186 7.11 20.22 -4.95
N ALA A 187 6.31 21.27 -4.74
CA ALA A 187 4.94 21.09 -4.25
C ALA A 187 4.08 20.63 -5.41
N ASN A 188 2.80 20.40 -5.15
CA ASN A 188 1.89 19.94 -6.19
C ASN A 188 0.70 20.88 -6.25
N VAL A 189 0.95 22.13 -5.84
CA VAL A 189 -0.05 23.20 -5.81
C VAL A 189 -0.57 23.60 -7.20
N GLU A 190 0.29 23.52 -8.21
CA GLU A 190 -0.10 23.85 -9.59
C GLU A 190 -1.05 22.78 -10.14
N GLY A 191 -2.25 23.22 -10.49
CA GLY A 191 -3.26 22.30 -11.02
C GLY A 191 -4.06 21.60 -9.95
N TRP A 192 -3.89 22.01 -8.68
CA TRP A 192 -4.58 21.41 -7.54
C TRP A 192 -6.09 21.61 -7.55
N GLU A 193 -6.79 20.48 -7.54
CA GLU A 193 -8.24 20.43 -7.51
C GLU A 193 -8.64 19.73 -6.22
N PRO A 194 -9.34 20.44 -5.31
CA PRO A 194 -9.78 19.85 -4.03
C PRO A 194 -10.77 18.70 -4.27
N SER A 195 -10.72 17.68 -3.43
CA SER A 195 -11.63 16.53 -3.55
C SER A 195 -13.03 16.97 -3.13
N SER A 196 -14.01 16.59 -3.95
CA SER A 196 -15.40 16.92 -3.71
C SER A 196 -16.05 16.17 -2.55
N ASN A 197 -15.43 15.06 -2.14
CA ASN A 197 -15.96 14.24 -1.06
C ASN A 197 -15.02 14.06 0.15
N ASN A 198 -13.83 14.66 0.07
CA ASN A 198 -12.84 14.59 1.15
C ASN A 198 -12.34 16.00 1.49
N ALA A 199 -12.59 16.42 2.73
CA ALA A 199 -12.20 17.75 3.20
C ALA A 199 -10.70 17.92 3.45
N ASN A 200 -9.95 16.81 3.37
CA ASN A 200 -8.51 16.84 3.61
C ASN A 200 -7.60 16.56 2.41
N THR A 201 -8.19 16.18 1.28
CA THR A 201 -7.38 15.84 0.11
C THR A 201 -7.73 16.54 -1.19
N GLY A 202 -6.85 16.38 -2.18
CA GLY A 202 -7.05 16.98 -3.48
C GLY A 202 -6.24 16.21 -4.52
N ILE A 203 -6.21 16.71 -5.75
CA ILE A 203 -5.50 16.10 -6.88
C ILE A 203 -4.65 17.21 -7.54
N GLY A 204 -3.35 16.99 -7.67
CA GLY A 204 -2.48 17.98 -8.29
C GLY A 204 -2.07 17.71 -9.72
N GLY A 205 -1.32 18.65 -10.32
CA GLY A 205 -0.88 18.52 -11.69
C GLY A 205 0.23 17.50 -11.95
N HIS A 206 0.80 16.96 -10.88
CA HIS A 206 1.86 15.95 -10.96
C HIS A 206 1.48 14.70 -10.19
N GLY A 207 2.03 13.56 -10.62
CA GLY A 207 1.79 12.29 -9.95
C GLY A 207 3.13 11.59 -9.80
N SER A 208 3.21 10.57 -8.95
CA SER A 208 4.46 9.83 -8.73
C SER A 208 4.27 8.34 -9.00
N CYS A 209 4.87 7.85 -10.09
CA CYS A 209 4.74 6.45 -10.49
C CYS A 209 5.91 5.52 -10.17
N CYS A 210 5.60 4.24 -9.99
CA CYS A 210 6.57 3.15 -9.77
C CYS A 210 5.89 1.81 -9.58
N SER A 211 6.66 0.75 -9.73
CA SER A 211 6.20 -0.63 -9.59
C SER A 211 5.67 -0.89 -8.19
N GLU A 212 4.59 -1.66 -8.10
CA GLU A 212 3.95 -1.96 -6.83
C GLU A 212 3.65 -3.45 -6.67
N MET A 213 4.12 -4.03 -5.57
CA MET A 213 3.86 -5.44 -5.27
C MET A 213 2.92 -5.49 -4.08
N ASP A 214 1.63 -5.72 -4.36
CA ASP A 214 0.64 -5.80 -3.31
C ASP A 214 0.56 -7.22 -2.77
N ILE A 215 1.36 -7.48 -1.75
CA ILE A 215 1.40 -8.79 -1.11
C ILE A 215 0.07 -9.04 -0.40
N TRP A 216 -0.44 -8.00 0.25
CA TRP A 216 -1.66 -8.10 1.03
C TRP A 216 -2.51 -6.85 1.03
N GLU A 217 -3.73 -6.98 0.51
CA GLU A 217 -4.72 -5.90 0.51
C GLU A 217 -5.95 -6.64 1.00
N ALA A 218 -6.35 -6.35 2.24
CA ALA A 218 -7.47 -7.08 2.83
C ALA A 218 -8.18 -6.50 4.04
N ASN A 219 -9.27 -7.20 4.36
CA ASN A 219 -10.10 -6.94 5.53
C ASN A 219 -10.58 -8.31 5.99
N SER A 220 -11.58 -8.37 6.88
CA SER A 220 -12.09 -9.64 7.39
C SER A 220 -12.92 -10.43 6.39
N ILE A 221 -13.29 -9.77 5.29
CA ILE A 221 -14.14 -10.39 4.26
C ILE A 221 -13.38 -10.88 3.01
N SER A 222 -12.42 -10.09 2.53
CA SER A 222 -11.66 -10.45 1.33
C SER A 222 -10.18 -10.11 1.40
N GLU A 223 -9.39 -10.79 0.56
CA GLU A 223 -7.94 -10.58 0.47
C GLU A 223 -7.46 -10.78 -0.97
N ALA A 224 -6.46 -9.99 -1.36
CA ALA A 224 -5.90 -10.07 -2.70
C ALA A 224 -4.39 -9.90 -2.76
N LEU A 225 -3.77 -10.62 -3.70
CA LEU A 225 -2.33 -10.60 -3.97
C LEU A 225 -2.22 -10.04 -5.38
N THR A 226 -1.58 -8.88 -5.54
CA THR A 226 -1.50 -8.23 -6.85
C THR A 226 -0.22 -7.53 -7.32
N PRO A 227 0.50 -8.12 -8.31
CA PRO A 227 1.71 -7.45 -8.80
C PRO A 227 1.29 -6.41 -9.86
N HIS A 228 1.91 -5.23 -9.82
CA HIS A 228 1.60 -4.14 -10.75
C HIS A 228 2.87 -3.65 -11.44
N PRO A 229 3.05 -3.93 -12.75
CA PRO A 229 4.25 -3.44 -13.46
C PRO A 229 4.09 -2.04 -14.03
N CYS A 230 5.24 -1.40 -14.32
CA CYS A 230 5.28 -0.08 -14.91
C CYS A 230 6.43 -0.12 -15.92
N THR A 231 6.30 0.64 -17.01
CA THR A 231 7.32 0.69 -18.08
C THR A 231 8.65 1.26 -17.59
N THR A 232 8.59 2.08 -16.55
CA THR A 232 9.76 2.63 -15.88
C THR A 232 9.61 2.01 -14.49
N VAL A 233 10.61 1.20 -14.10
CA VAL A 233 10.60 0.47 -12.83
C VAL A 233 10.49 1.30 -11.55
N GLY A 234 11.42 2.24 -11.37
CA GLY A 234 11.43 3.07 -10.16
C GLY A 234 10.60 4.33 -10.21
N GLN A 235 10.76 5.14 -9.16
CA GLN A 235 10.04 6.42 -8.98
C GLN A 235 10.26 7.35 -10.16
N GLU A 236 9.13 7.87 -10.69
CA GLU A 236 9.13 8.79 -11.82
C GLU A 236 7.88 9.66 -11.79
N ILE A 237 8.08 10.96 -11.99
CA ILE A 237 6.99 11.94 -12.02
C ILE A 237 6.22 11.80 -13.34
N CYS A 238 4.92 12.09 -13.30
CA CYS A 238 4.06 12.03 -14.47
C CYS A 238 3.27 13.34 -14.54
N GLU A 239 2.85 13.69 -15.76
CA GLU A 239 2.12 14.93 -16.03
C GLU A 239 0.60 14.82 -16.20
N GLY A 240 -0.14 15.43 -15.28
CA GLY A 240 -1.59 15.47 -15.34
C GLY A 240 -2.34 14.19 -15.64
N ASP A 241 -3.19 14.22 -16.68
CA ASP A 241 -3.97 13.06 -17.09
C ASP A 241 -3.14 11.99 -17.81
N GLY A 242 -1.91 12.36 -18.14
CA GLY A 242 -0.99 11.44 -18.81
C GLY A 242 -0.46 10.44 -17.79
N CYS A 243 -0.83 10.67 -16.53
CA CYS A 243 -0.44 9.82 -15.40
C CYS A 243 -1.15 8.49 -15.37
N GLY A 244 -2.45 8.52 -15.69
CA GLY A 244 -3.25 7.31 -15.63
C GLY A 244 -3.63 7.13 -14.18
N GLY A 245 -4.10 5.95 -13.81
CA GLY A 245 -4.46 5.70 -12.42
C GLY A 245 -5.82 6.22 -11.97
N THR A 246 -6.16 5.95 -10.72
CA THR A 246 -7.42 6.32 -10.08
C THR A 246 -7.71 7.81 -10.04
N TYR A 247 -6.65 8.61 -9.95
CA TYR A 247 -6.73 10.06 -9.86
C TYR A 247 -6.93 10.78 -11.20
N SER A 248 -6.77 10.06 -12.31
CA SER A 248 -6.93 10.66 -13.64
C SER A 248 -8.21 10.16 -14.30
N ASP A 249 -8.70 10.95 -15.26
CA ASP A 249 -9.94 10.62 -15.98
C ASP A 249 -9.84 9.46 -16.97
N ASN A 250 -8.62 8.94 -17.15
CA ASN A 250 -8.34 7.80 -18.02
C ASN A 250 -7.25 7.08 -17.22
N ARG A 251 -7.58 5.89 -16.70
CA ARG A 251 -6.62 5.13 -15.88
C ARG A 251 -5.55 4.35 -16.64
N TYR A 252 -5.78 4.14 -17.93
CA TYR A 252 -4.86 3.37 -18.77
C TYR A 252 -3.95 4.18 -19.71
N GLY A 253 -3.94 5.50 -19.56
CA GLY A 253 -3.12 6.34 -20.42
C GLY A 253 -1.69 6.58 -19.97
N GLY A 254 -1.32 6.08 -18.79
CA GLY A 254 0.01 6.30 -18.26
C GLY A 254 1.05 5.21 -18.45
N THR A 255 2.11 5.31 -17.65
CA THR A 255 3.24 4.37 -17.68
C THR A 255 3.08 3.14 -16.79
N CYS A 256 2.10 3.17 -15.88
CA CYS A 256 1.85 2.07 -14.97
C CYS A 256 0.57 1.31 -15.22
N ASP A 257 0.47 0.12 -14.61
CA ASP A 257 -0.70 -0.74 -14.69
C ASP A 257 -1.44 -0.55 -13.36
N PRO A 258 -2.60 0.14 -13.38
CA PRO A 258 -3.39 0.37 -12.17
C PRO A 258 -4.26 -0.80 -11.71
N ASP A 259 -4.41 -1.81 -12.58
CA ASP A 259 -5.24 -2.97 -12.26
C ASP A 259 -4.45 -4.13 -11.68
N GLY A 260 -3.36 -4.48 -12.35
CA GLY A 260 -2.51 -5.57 -11.92
C GLY A 260 -3.08 -6.95 -12.21
N CYS A 261 -2.27 -7.97 -11.96
CA CYS A 261 -2.71 -9.35 -12.14
C CYS A 261 -3.06 -9.82 -10.73
N ASP A 262 -4.31 -9.58 -10.35
CA ASP A 262 -4.79 -9.93 -9.02
C ASP A 262 -5.20 -11.36 -8.82
N TRP A 263 -4.92 -11.86 -7.61
CA TRP A 263 -5.32 -13.19 -7.21
C TRP A 263 -6.11 -13.03 -5.93
N ASN A 264 -7.42 -13.15 -6.07
CA ASN A 264 -8.37 -13.04 -4.98
C ASN A 264 -9.07 -14.41 -5.01
N PRO A 265 -8.86 -15.28 -3.99
CA PRO A 265 -9.48 -16.61 -3.93
C PRO A 265 -11.01 -16.62 -4.11
N TYR A 266 -11.66 -15.60 -3.55
CA TYR A 266 -13.12 -15.46 -3.63
C TYR A 266 -13.55 -15.14 -5.06
N ARG A 267 -12.82 -14.25 -5.73
CA ARG A 267 -13.11 -13.83 -7.12
C ARG A 267 -12.91 -14.97 -8.11
N LEU A 268 -11.98 -15.87 -7.79
CA LEU A 268 -11.66 -17.02 -8.64
C LEU A 268 -12.60 -18.21 -8.41
N GLY A 269 -13.50 -18.09 -7.43
CA GLY A 269 -14.45 -19.17 -7.18
C GLY A 269 -14.52 -19.82 -5.82
N ASN A 270 -13.45 -19.72 -5.02
CA ASN A 270 -13.46 -20.33 -3.68
C ASN A 270 -13.97 -19.32 -2.66
N THR A 271 -15.28 -19.36 -2.43
CA THR A 271 -15.96 -18.47 -1.50
C THR A 271 -15.93 -18.98 -0.06
N SER A 272 -15.30 -20.15 0.14
CA SER A 272 -15.21 -20.80 1.45
C SER A 272 -13.83 -20.75 2.08
N PHE A 273 -12.86 -20.12 1.40
CA PHE A 273 -11.50 -20.08 1.89
C PHE A 273 -11.15 -19.05 2.97
N TYR A 274 -11.60 -17.82 2.77
CA TYR A 274 -11.27 -16.72 3.67
C TYR A 274 -12.52 -15.96 4.14
N GLY A 275 -12.72 -15.94 5.46
CA GLY A 275 -13.87 -15.25 6.01
C GLY A 275 -13.98 -15.40 7.52
N PRO A 276 -14.88 -14.63 8.18
CA PRO A 276 -15.07 -14.69 9.64
C PRO A 276 -15.83 -15.93 10.13
N GLY A 277 -15.24 -16.63 11.09
CA GLY A 277 -15.88 -17.82 11.64
C GLY A 277 -15.28 -19.13 11.15
N SER A 278 -15.66 -20.21 11.83
CA SER A 278 -15.18 -21.56 11.53
C SER A 278 -15.74 -22.20 10.26
N SER A 279 -16.60 -21.48 9.55
CA SER A 279 -17.19 -21.97 8.30
C SER A 279 -16.26 -21.74 7.12
N PHE A 280 -15.12 -21.09 7.41
CA PHE A 280 -14.11 -20.81 6.39
C PHE A 280 -12.83 -21.56 6.72
N THR A 281 -12.00 -21.82 5.70
CA THR A 281 -10.72 -22.54 5.88
C THR A 281 -9.78 -21.72 6.75
N LEU A 282 -9.77 -20.41 6.50
CA LEU A 282 -8.97 -19.45 7.26
C LEU A 282 -9.99 -18.54 7.97
N ASP A 283 -10.00 -18.63 9.30
CA ASP A 283 -10.89 -17.86 10.17
C ASP A 283 -10.28 -16.46 10.42
N THR A 284 -10.88 -15.45 9.82
CA THR A 284 -10.39 -14.08 9.95
C THR A 284 -10.67 -13.39 11.28
N THR A 285 -11.26 -14.11 12.23
CA THR A 285 -11.52 -13.56 13.57
C THR A 285 -10.28 -13.85 14.42
N LYS A 286 -9.39 -14.66 13.86
CA LYS A 286 -8.14 -15.07 14.51
C LYS A 286 -6.96 -14.67 13.63
N LYS A 287 -5.78 -14.60 14.25
CA LYS A 287 -4.54 -14.24 13.57
C LYS A 287 -4.13 -15.35 12.59
N LEU A 288 -3.55 -14.94 11.47
CA LEU A 288 -3.09 -15.89 10.45
C LEU A 288 -1.73 -15.46 9.92
N THR A 289 -0.96 -16.44 9.44
CA THR A 289 0.36 -16.19 8.88
C THR A 289 0.24 -16.27 7.37
N VAL A 290 0.83 -15.30 6.68
CA VAL A 290 0.80 -15.23 5.22
C VAL A 290 2.23 -15.21 4.68
N VAL A 291 2.56 -16.20 3.85
CA VAL A 291 3.90 -16.31 3.26
C VAL A 291 3.81 -16.16 1.74
N THR A 292 4.67 -15.32 1.18
CA THR A 292 4.70 -15.06 -0.25
C THR A 292 6.11 -15.25 -0.78
N GLN A 293 6.24 -16.18 -1.74
CA GLN A 293 7.51 -16.55 -2.34
C GLN A 293 7.68 -16.07 -3.78
N PHE A 294 8.82 -15.43 -4.05
CA PHE A 294 9.12 -14.92 -5.38
C PHE A 294 10.25 -15.74 -6.03
N GLU A 295 9.86 -16.79 -6.75
CA GLU A 295 10.85 -17.64 -7.42
C GLU A 295 11.45 -16.89 -8.60
N THR A 296 12.66 -17.29 -8.99
CA THR A 296 13.39 -16.64 -10.07
C THR A 296 12.75 -16.61 -11.46
N SER A 297 11.72 -17.42 -11.69
CA SER A 297 11.02 -17.44 -12.99
C SER A 297 10.19 -16.16 -13.13
N GLY A 298 9.88 -15.55 -12.00
CA GLY A 298 9.07 -14.33 -12.00
C GLY A 298 7.68 -14.60 -11.47
N ALA A 299 7.37 -15.88 -11.25
CA ALA A 299 6.09 -16.31 -10.72
C ALA A 299 6.04 -16.13 -9.22
N ILE A 300 4.83 -16.00 -8.67
CA ILE A 300 4.64 -15.81 -7.23
C ILE A 300 3.85 -16.98 -6.63
N ASN A 301 4.38 -17.53 -5.54
CA ASN A 301 3.74 -18.63 -4.85
C ASN A 301 3.32 -18.16 -3.46
N ARG A 302 2.27 -18.78 -2.93
CA ARG A 302 1.72 -18.39 -1.64
C ARG A 302 1.15 -19.52 -0.81
N TYR A 303 1.40 -19.45 0.50
CA TYR A 303 0.83 -20.39 1.45
C TYR A 303 0.48 -19.66 2.74
N TYR A 304 -0.48 -20.22 3.48
CA TYR A 304 -0.94 -19.62 4.73
C TYR A 304 -0.84 -20.64 5.85
N VAL A 305 -0.74 -20.14 7.08
CA VAL A 305 -0.69 -21.00 8.27
C VAL A 305 -1.56 -20.40 9.36
N GLN A 306 -2.44 -21.22 9.93
CA GLN A 306 -3.30 -20.80 11.03
C GLN A 306 -3.48 -22.01 11.95
N ASN A 307 -3.17 -21.80 13.23
CA ASN A 307 -3.23 -22.82 14.29
C ASN A 307 -2.42 -24.07 13.95
N GLY A 308 -1.25 -23.84 13.35
CA GLY A 308 -0.36 -24.92 12.97
C GLY A 308 -0.69 -25.69 11.70
N VAL A 309 -1.80 -25.33 11.04
CA VAL A 309 -2.23 -26.00 9.81
C VAL A 309 -1.86 -25.14 8.59
N THR A 310 -1.17 -25.76 7.64
CA THR A 310 -0.71 -25.10 6.42
C THR A 310 -1.63 -25.30 5.22
N PHE A 311 -1.91 -24.21 4.52
CA PHE A 311 -2.75 -24.23 3.33
C PHE A 311 -2.05 -23.47 2.22
N GLN A 312 -1.90 -24.10 1.06
CA GLN A 312 -1.30 -23.45 -0.10
C GLN A 312 -2.41 -22.56 -0.64
N GLN A 313 -2.07 -21.61 -1.51
CA GLN A 313 -3.05 -20.73 -2.17
C GLN A 313 -4.02 -21.72 -2.83
N PRO A 314 -5.35 -21.53 -2.69
CA PRO A 314 -6.30 -22.47 -3.31
C PRO A 314 -6.19 -22.56 -4.82
N ASN A 315 -6.38 -23.77 -5.36
CA ASN A 315 -6.33 -23.98 -6.80
C ASN A 315 -7.47 -23.24 -7.47
N ALA A 316 -7.19 -22.68 -8.64
CA ALA A 316 -8.18 -21.94 -9.40
C ALA A 316 -8.11 -22.40 -10.84
N GLU A 317 -9.28 -22.51 -11.47
CA GLU A 317 -9.40 -22.90 -12.88
C GLU A 317 -10.03 -21.72 -13.59
N LEU A 318 -9.28 -21.15 -14.54
CA LEU A 318 -9.71 -19.99 -15.30
C LEU A 318 -9.21 -20.13 -16.74
N GLY A 319 -10.13 -20.47 -17.65
CA GLY A 319 -9.77 -20.67 -19.04
C GLY A 319 -8.96 -21.94 -19.17
N SER A 320 -7.76 -21.83 -19.76
CA SER A 320 -6.87 -22.99 -19.93
C SER A 320 -5.88 -23.08 -18.77
N TYR A 321 -5.99 -22.16 -17.81
CA TYR A 321 -5.12 -22.16 -16.63
C TYR A 321 -5.74 -22.99 -15.52
N SER A 322 -4.87 -23.70 -14.79
CA SER A 322 -5.25 -24.53 -13.65
C SER A 322 -4.04 -24.53 -12.72
N GLY A 323 -4.27 -24.35 -11.42
CA GLY A 323 -3.17 -24.34 -10.47
C GLY A 323 -3.32 -23.29 -9.40
N ASN A 324 -2.27 -23.08 -8.60
CA ASN A 324 -2.29 -22.10 -7.53
C ASN A 324 -1.13 -21.11 -7.53
N GLU A 325 -0.35 -21.15 -8.61
CA GLU A 325 0.79 -20.26 -8.78
C GLU A 325 0.39 -19.09 -9.67
N LEU A 326 0.79 -17.88 -9.25
CA LEU A 326 0.50 -16.67 -10.00
C LEU A 326 1.67 -16.52 -11.01
N ASN A 327 1.46 -17.04 -12.22
CA ASN A 327 2.46 -16.99 -13.28
C ASN A 327 1.88 -16.30 -14.52
N ASP A 328 2.67 -16.26 -15.60
CA ASP A 328 2.24 -15.63 -16.86
C ASP A 328 0.97 -16.24 -17.44
N ASP A 329 0.80 -17.57 -17.28
CA ASP A 329 -0.37 -18.27 -17.78
C ASP A 329 -1.64 -17.86 -17.03
N TYR A 330 -1.52 -17.61 -15.72
CA TYR A 330 -2.67 -17.18 -14.92
C TYR A 330 -3.10 -15.78 -15.33
N CYS A 331 -2.12 -14.87 -15.40
CA CYS A 331 -2.35 -13.47 -15.74
C CYS A 331 -2.94 -13.25 -17.14
N THR A 332 -2.52 -14.09 -18.09
CA THR A 332 -3.01 -14.01 -19.48
C THR A 332 -4.43 -14.57 -19.54
N ALA A 333 -4.66 -15.64 -18.78
CA ALA A 333 -5.97 -16.29 -18.69
C ALA A 333 -6.97 -15.40 -17.97
N GLU A 334 -6.47 -14.60 -17.04
CA GLU A 334 -7.32 -13.67 -16.26
C GLU A 334 -7.83 -12.56 -17.16
N GLU A 335 -6.93 -12.02 -17.98
CA GLU A 335 -7.27 -10.94 -18.92
C GLU A 335 -8.23 -11.42 -20.01
N ALA A 336 -8.14 -12.70 -20.33
CA ALA A 336 -8.98 -13.32 -21.35
C ALA A 336 -10.40 -13.59 -20.85
N GLU A 337 -10.51 -14.03 -19.58
CA GLU A 337 -11.81 -14.33 -18.99
C GLU A 337 -12.49 -13.16 -18.27
N PHE A 338 -11.74 -12.38 -17.51
CA PHE A 338 -12.28 -11.23 -16.77
C PHE A 338 -12.19 -9.92 -17.58
N GLY A 339 -11.33 -9.90 -18.58
CA GLY A 339 -11.17 -8.70 -19.41
C GLY A 339 -10.00 -7.83 -19.01
N GLY A 340 -9.62 -6.90 -19.89
CA GLY A 340 -8.52 -6.00 -19.62
C GLY A 340 -7.25 -6.33 -20.37
N SER A 341 -6.41 -5.31 -20.60
CA SER A 341 -5.16 -5.49 -21.32
C SER A 341 -4.01 -4.73 -20.65
N SER A 342 -4.32 -4.04 -19.56
CA SER A 342 -3.36 -3.22 -18.81
C SER A 342 -2.08 -3.93 -18.30
N PHE A 343 -2.25 -5.10 -17.68
CA PHE A 343 -1.12 -5.88 -17.15
C PHE A 343 -0.11 -6.31 -18.23
N SER A 344 -0.62 -6.83 -19.34
CA SER A 344 0.20 -7.29 -20.45
C SER A 344 0.84 -6.16 -21.27
N ASP A 345 0.12 -5.03 -21.39
CA ASP A 345 0.60 -3.85 -22.13
C ASP A 345 1.84 -3.28 -21.46
N LYS A 346 1.85 -3.35 -20.12
CA LYS A 346 2.96 -2.85 -19.33
C LYS A 346 4.08 -3.86 -19.14
N GLY A 347 3.97 -5.02 -19.78
CA GLY A 347 5.02 -6.02 -19.70
C GLY A 347 4.82 -7.28 -18.88
N GLY A 348 3.72 -7.38 -18.14
CA GLY A 348 3.44 -8.55 -17.33
C GLY A 348 4.46 -8.84 -16.24
N LEU A 349 4.63 -10.12 -15.91
CA LEU A 349 5.55 -10.55 -14.87
C LEU A 349 7.03 -10.41 -15.25
N THR A 350 7.31 -10.32 -16.56
CA THR A 350 8.68 -10.15 -17.05
C THR A 350 9.17 -8.73 -16.70
N GLN A 351 8.29 -7.75 -16.83
CA GLN A 351 8.62 -6.36 -16.51
C GLN A 351 8.63 -6.18 -14.99
N PHE A 352 7.73 -6.89 -14.32
CA PHE A 352 7.61 -6.82 -12.87
C PHE A 352 8.83 -7.43 -12.19
N LYS A 353 9.47 -8.38 -12.88
CA LYS A 353 10.67 -9.07 -12.40
C LYS A 353 11.82 -8.08 -12.23
N LYS A 354 11.82 -7.00 -13.03
CA LYS A 354 12.85 -5.97 -12.95
C LYS A 354 12.72 -5.16 -11.65
N ALA A 355 11.51 -5.19 -11.08
CA ALA A 355 11.21 -4.48 -9.84
C ALA A 355 11.64 -5.32 -8.63
N THR A 356 11.31 -6.61 -8.67
CA THR A 356 11.66 -7.52 -7.58
C THR A 356 13.14 -7.89 -7.58
N SER A 357 13.81 -7.66 -8.71
CA SER A 357 15.25 -7.93 -8.84
C SER A 357 16.02 -6.78 -8.23
N GLY A 358 15.35 -5.65 -8.09
CA GLY A 358 15.96 -4.46 -7.50
C GLY A 358 15.43 -4.27 -6.10
N GLY A 359 15.76 -3.13 -5.48
CA GLY A 359 15.30 -2.86 -4.13
C GLY A 359 13.91 -2.25 -4.08
N MET A 360 13.11 -2.69 -3.10
CA MET A 360 11.75 -2.18 -2.90
C MET A 360 11.53 -1.87 -1.41
N VAL A 361 10.71 -0.85 -1.15
CA VAL A 361 10.41 -0.43 0.22
C VAL A 361 9.10 -1.03 0.72
N LEU A 362 9.11 -1.48 1.98
CA LEU A 362 7.93 -2.08 2.61
C LEU A 362 6.99 -0.98 3.10
N VAL A 363 5.72 -1.11 2.74
CA VAL A 363 4.70 -0.15 3.12
C VAL A 363 3.61 -0.90 3.88
N MET A 364 3.16 -0.33 5.00
CA MET A 364 2.07 -0.89 5.79
C MET A 364 1.07 0.23 6.01
N SER A 365 -0.19 -0.04 5.66
CA SER A 365 -1.22 0.98 5.77
C SER A 365 -2.60 0.50 6.14
N LEU A 366 -3.46 1.48 6.41
CA LEU A 366 -4.87 1.29 6.72
C LEU A 366 -5.56 2.49 6.10
N TRP A 367 -6.54 2.23 5.24
CA TRP A 367 -7.27 3.29 4.54
C TRP A 367 -8.63 2.86 4.05
N ASP A 368 -9.49 3.86 3.81
CA ASP A 368 -10.79 3.62 3.21
C ASP A 368 -10.66 4.27 1.83
N ASP A 369 -11.57 3.96 0.92
CA ASP A 369 -11.48 4.41 -0.46
C ASP A 369 -12.51 5.47 -0.87
N TYR A 370 -12.01 6.68 -1.12
CA TYR A 370 -12.84 7.82 -1.51
C TYR A 370 -13.21 7.87 -2.99
N TYR A 371 -12.68 6.92 -3.77
CA TYR A 371 -12.98 6.84 -5.19
C TYR A 371 -13.98 5.74 -5.54
N ALA A 372 -13.76 4.55 -5.00
CA ALA A 372 -14.61 3.40 -5.32
C ALA A 372 -15.12 2.57 -4.13
N ASN A 373 -15.08 3.15 -2.92
CA ASN A 373 -15.59 2.50 -1.69
C ASN A 373 -15.07 1.08 -1.37
N MET A 374 -13.87 0.76 -1.87
CA MET A 374 -13.20 -0.54 -1.72
C MET A 374 -14.00 -1.72 -2.31
N LEU A 375 -14.96 -1.39 -3.17
CA LEU A 375 -15.83 -2.38 -3.82
C LEU A 375 -15.06 -3.34 -4.72
N TRP A 376 -13.95 -2.85 -5.29
CA TRP A 376 -13.07 -3.61 -6.16
C TRP A 376 -12.35 -4.76 -5.45
N LEU A 377 -12.34 -4.68 -4.12
CA LEU A 377 -11.68 -5.69 -3.30
C LEU A 377 -12.65 -6.64 -2.60
N ASP A 378 -13.74 -6.09 -2.05
CA ASP A 378 -14.68 -6.92 -1.28
C ASP A 378 -16.15 -7.03 -1.71
N SER A 379 -16.53 -6.46 -2.84
CA SER A 379 -17.93 -6.51 -3.27
C SER A 379 -18.05 -6.89 -4.74
N THR A 380 -19.15 -6.46 -5.37
CA THR A 380 -19.35 -6.71 -6.80
C THR A 380 -18.96 -5.39 -7.48
N TYR A 381 -17.99 -5.47 -8.39
CA TYR A 381 -17.48 -4.29 -9.10
C TYR A 381 -17.28 -4.52 -10.61
N PRO A 382 -17.93 -3.70 -11.47
CA PRO A 382 -18.86 -2.57 -11.24
C PRO A 382 -20.18 -3.00 -10.60
N THR A 383 -20.78 -2.10 -9.82
CA THR A 383 -22.02 -2.36 -9.07
C THR A 383 -23.24 -2.82 -9.86
N ASN A 384 -23.29 -2.52 -11.15
CA ASN A 384 -24.42 -2.89 -11.99
C ASN A 384 -24.29 -4.29 -12.61
N GLU A 385 -23.14 -4.94 -12.37
CA GLU A 385 -22.88 -6.29 -12.88
C GLU A 385 -23.41 -7.32 -11.88
N THR A 386 -23.65 -8.52 -12.39
CA THR A 386 -24.15 -9.63 -11.58
C THR A 386 -23.06 -10.70 -11.48
N SER A 387 -23.40 -11.84 -10.88
CA SER A 387 -22.48 -12.96 -10.70
C SER A 387 -22.30 -13.74 -12.01
N SER A 388 -23.12 -13.38 -13.01
CA SER A 388 -23.10 -14.01 -14.33
C SER A 388 -21.96 -13.42 -15.17
N THR A 389 -21.47 -12.25 -14.73
CA THR A 389 -20.36 -11.56 -15.39
C THR A 389 -19.09 -12.11 -14.72
N PRO A 390 -18.15 -12.70 -15.50
CA PRO A 390 -16.91 -13.26 -14.97
C PRO A 390 -16.01 -12.30 -14.19
N GLY A 391 -15.71 -12.68 -12.95
CA GLY A 391 -14.84 -11.88 -12.09
C GLY A 391 -15.46 -10.66 -11.44
N ALA A 392 -16.78 -10.50 -11.61
CA ALA A 392 -17.50 -9.35 -11.06
C ALA A 392 -17.59 -9.36 -9.53
N VAL A 393 -17.88 -10.51 -8.94
CA VAL A 393 -17.98 -10.65 -7.49
C VAL A 393 -16.61 -10.97 -6.88
N ARG A 394 -16.13 -10.04 -6.04
CA ARG A 394 -14.82 -10.18 -5.38
C ARG A 394 -14.97 -10.49 -3.90
N GLY A 395 -16.17 -10.25 -3.37
CA GLY A 395 -16.42 -10.50 -1.96
C GLY A 395 -17.91 -10.48 -1.63
N SER A 396 -18.24 -10.75 -0.36
CA SER A 396 -19.62 -10.79 0.11
C SER A 396 -20.21 -9.47 0.60
N CYS A 397 -19.41 -8.39 0.58
CA CYS A 397 -19.88 -7.08 1.02
C CYS A 397 -20.89 -6.49 0.04
N SER A 398 -21.84 -5.72 0.58
CA SER A 398 -22.87 -5.07 -0.23
C SER A 398 -22.24 -4.02 -1.13
N THR A 399 -22.84 -3.81 -2.30
CA THR A 399 -22.36 -2.82 -3.26
C THR A 399 -22.58 -1.41 -2.69
N SER A 400 -23.30 -1.36 -1.56
CA SER A 400 -23.61 -0.12 -0.86
C SER A 400 -22.64 0.17 0.29
N SER A 401 -21.75 -0.78 0.56
CA SER A 401 -20.78 -0.65 1.64
C SER A 401 -19.56 0.20 1.30
N GLY A 402 -18.79 0.52 2.34
CA GLY A 402 -17.56 1.27 2.16
C GLY A 402 -17.60 2.77 1.97
N VAL A 403 -18.76 3.42 2.16
CA VAL A 403 -18.84 4.88 2.04
C VAL A 403 -17.95 5.41 3.16
N PRO A 404 -16.88 6.17 2.82
CA PRO A 404 -15.92 6.72 3.79
C PRO A 404 -16.50 7.34 5.04
N ALA A 405 -17.36 8.35 4.88
CA ALA A 405 -17.99 9.05 6.00
C ALA A 405 -18.79 8.11 6.91
N GLN A 406 -19.40 7.09 6.31
CA GLN A 406 -20.20 6.12 7.07
C GLN A 406 -19.34 5.13 7.86
N VAL A 407 -18.32 4.55 7.21
CA VAL A 407 -17.45 3.59 7.91
C VAL A 407 -16.59 4.27 8.97
N GLU A 408 -16.27 5.55 8.74
CA GLU A 408 -15.49 6.36 9.70
C GLU A 408 -16.33 6.67 10.94
N SER A 409 -17.63 6.82 10.73
CA SER A 409 -18.58 7.10 11.81
C SER A 409 -19.00 5.83 12.56
N GLN A 410 -19.21 4.74 11.81
CA GLN A 410 -19.65 3.47 12.39
C GLN A 410 -18.58 2.57 12.99
N SER A 411 -17.39 2.57 12.37
CA SER A 411 -16.29 1.73 12.85
C SER A 411 -15.00 2.53 13.09
N PRO A 412 -15.02 3.57 13.97
CA PRO A 412 -13.81 4.36 14.22
C PRO A 412 -12.68 3.61 14.93
N ASN A 413 -13.06 2.56 15.65
CA ASN A 413 -12.12 1.76 16.41
C ASN A 413 -11.58 0.56 15.63
N ALA A 414 -11.82 0.57 14.32
CA ALA A 414 -11.32 -0.47 13.42
C ALA A 414 -9.80 -0.35 13.41
N LYS A 415 -9.12 -1.48 13.23
CA LYS A 415 -7.65 -1.50 13.24
C LYS A 415 -7.10 -2.74 12.58
N VAL A 416 -5.80 -2.69 12.28
CA VAL A 416 -5.09 -3.82 11.69
C VAL A 416 -3.78 -3.93 12.44
N THR A 417 -3.36 -5.18 12.68
CA THR A 417 -2.10 -5.43 13.36
C THR A 417 -1.25 -6.36 12.52
N PHE A 418 -0.08 -5.86 12.12
CA PHE A 418 0.89 -6.61 11.36
C PHE A 418 1.99 -6.97 12.35
N SER A 419 2.37 -8.24 12.38
CA SER A 419 3.41 -8.69 13.29
C SER A 419 4.28 -9.80 12.73
N ASN A 420 5.37 -10.09 13.46
CA ASN A 420 6.35 -11.14 13.14
C ASN A 420 6.78 -11.23 11.67
N ILE A 421 7.30 -10.12 11.15
CA ILE A 421 7.79 -10.03 9.78
C ILE A 421 9.10 -10.81 9.69
N LYS A 422 9.14 -11.77 8.75
CA LYS A 422 10.32 -12.59 8.53
C LYS A 422 10.64 -12.56 7.04
N PHE A 423 11.91 -12.37 6.70
CA PHE A 423 12.37 -12.27 5.32
C PHE A 423 13.65 -13.07 5.08
N GLY A 424 13.76 -13.68 3.92
CA GLY A 424 14.96 -14.44 3.60
C GLY A 424 14.70 -15.35 2.42
N PRO A 425 15.68 -16.20 2.02
CA PRO A 425 15.59 -17.15 0.89
C PRO A 425 14.33 -18.00 0.98
N ILE A 426 13.83 -18.43 -0.18
CA ILE A 426 12.64 -19.29 -0.25
C ILE A 426 12.87 -20.54 0.61
N GLY A 427 11.87 -20.85 1.44
CA GLY A 427 11.92 -22.00 2.33
C GLY A 427 12.65 -21.81 3.66
N SER A 428 13.04 -20.58 3.98
CA SER A 428 13.80 -20.30 5.21
C SER A 428 13.09 -19.59 6.36
N THR A 429 11.96 -18.92 6.09
CA THR A 429 11.27 -18.16 7.12
C THR A 429 10.41 -18.95 8.11
N GLY A 430 10.27 -20.26 7.90
CA GLY A 430 9.49 -21.10 8.80
C GLY A 430 10.36 -21.70 9.89
N ASN A 431 11.65 -21.36 9.88
CA ASN A 431 12.63 -21.83 10.84
C ASN A 431 12.62 -20.93 12.10
N PRO A 432 13.19 -21.41 13.24
CA PRO A 432 13.21 -20.61 14.48
C PRO A 432 13.73 -19.17 14.41
N SER A 433 12.97 -18.27 15.02
CA SER A 433 13.30 -16.85 15.11
C SER A 433 14.42 -16.65 16.12
N GLY A 434 15.38 -15.78 15.79
CA GLY A 434 16.50 -15.53 16.67
C GLY A 434 16.24 -14.43 17.68
C1 NAG B . -11.11 -23.80 -1.15
C2 NAG B . -11.72 -25.17 -1.50
C3 NAG B . -11.46 -26.18 -0.38
C4 NAG B . -9.97 -26.23 -0.07
C5 NAG B . -9.47 -24.83 0.27
C6 NAG B . -7.99 -24.81 0.53
C7 NAG B . -13.64 -24.84 -2.95
C8 NAG B . -15.16 -24.83 -3.09
N2 NAG B . -13.16 -25.04 -1.72
O3 NAG B . -11.90 -27.47 -0.78
O4 NAG B . -9.74 -27.11 1.03
O5 NAG B . -9.72 -23.94 -0.84
O6 NAG B . -7.26 -25.11 -0.66
O7 NAG B . -12.94 -24.64 -3.94
C1 NAG C . -22.90 -1.68 -16.43
C2 NAG C . -23.33 -2.44 -17.69
C3 NAG C . -22.28 -2.25 -18.77
C4 NAG C . -22.06 -0.75 -19.03
C5 NAG C . -21.75 -0.01 -17.72
C6 NAG C . -21.71 1.49 -17.90
C7 NAG C . -24.71 -4.38 -17.25
C8 NAG C . -24.77 -5.87 -16.92
N2 NAG C . -23.50 -3.85 -17.38
O3 NAG C . -22.69 -2.88 -19.97
O4 NAG C . -20.97 -0.58 -19.93
O5 NAG C . -22.79 -0.28 -16.74
O6 NAG C . -22.98 2.00 -18.28
O7 NAG C . -25.76 -3.74 -17.37
C1 SNP D . -6.85 0.06 -7.29
C2 SNP D . -7.33 -0.90 -8.22
C3 SNP D . -8.66 -0.88 -8.72
C4 SNP D . -9.57 0.14 -8.28
C5 SNP D . -10.02 2.09 -6.91
C6 SNP D . -9.60 3.08 -5.96
C7 SNP D . -8.27 3.06 -5.47
C8 SNP D . -7.37 2.04 -5.92
C9 SNP D . -7.77 1.06 -6.86
C10 SNP D . -9.12 1.10 -7.34
O1 SNP D . -5.56 0.07 -6.78
C11 SNP D . -4.88 -1.14 -6.50
C12 SNP D . -3.57 -0.82 -5.77
O2 SNP D . -2.73 -0.10 -6.65
C13 SNP D . -3.81 0.03 -4.51
N1 SNP D . -2.82 -0.33 -3.51
C14 SNP D . -2.74 0.59 -2.38
C15 SNP D . -1.66 1.64 -2.71
C16 SNP D . -2.38 -0.15 -1.08
CO CO E . 7.13 -22.27 -10.06
CO CO F . 5.24 19.79 -14.59
#